data_2HKJ
#
_entry.id   2HKJ
#
_cell.length_a   93.879
_cell.length_b   111.398
_cell.length_c   54.888
_cell.angle_alpha   90.00
_cell.angle_beta   90.00
_cell.angle_gamma   90.00
#
_symmetry.space_group_name_H-M   'P 21 21 2'
#
loop_
_entity.id
_entity.type
_entity.pdbx_description
1 polymer 'Type II DNA topoisomerase VI subunit B'
2 non-polymer 'MAGNESIUM ION'
3 non-polymer 'DIMETHYL SULFOXIDE'
4 non-polymer RADICICOL
5 water water
#
_entity_poly.entity_id   1
_entity_poly.type   'polypeptide(L)'
_entity_poly.pdbx_seq_one_letter_code
;SAKEKFTSLSPAEFFKRNPELAGFPNPARALYQTVRELIENSLDATDVHGILPNIKITIDLIDDARQIYKVNVVDNGIGI
PPQEVPNAFGRVLYSSKYVNRQTRGMYGLGVKAAVLYSQMHQDKPIEIETSPVNSKRIYTFKLKIDINKNEPIIVERGSV
ENTRGFHGTSVAISIPGDWPKAKSRIYEYIKRTYIITPYAEFIFKDPEGNVTYYPRLTNKIPKPPQEVKPHPYGVDREEI
KILINNLKRDYTIKEFLVNEFQSIGDTTADKILELAGLKPNKKVKNLTEEEITRLVETFKKYEDFRSPSADSLSVIGEDL
IELGLKKIFNPDFAASITRKPKAYQGHPFIVEAGVAFGGSIPVGEEPIVLRYANKIPLIYDEKSDVIWKVVEELDWKRYG
IESDQYQMVVMVHLCSTKIPYKSAGKESIAEVEDIEKEIKNALMEVARKLKQYLSEKRKEQEAKKKLLA
;
_entity_poly.pdbx_strand_id   A
#
loop_
_chem_comp.id
_chem_comp.type
_chem_comp.name
_chem_comp.formula
DMS non-polymer 'DIMETHYL SULFOXIDE' 'C2 H6 O S'
MG non-polymer 'MAGNESIUM ION' 'Mg 2'
RDC non-polymer RADICICOL 'C18 H17 Cl O6'
#
# COMPACT_ATOMS: atom_id res chain seq x y z
N LEU A 9 26.46 -0.28 -3.40
CA LEU A 9 25.80 0.77 -2.54
C LEU A 9 24.65 0.23 -1.67
N SER A 10 24.65 0.61 -0.41
CA SER A 10 23.53 0.32 0.48
C SER A 10 22.26 1.07 -0.02
N PRO A 11 21.06 0.57 0.34
CA PRO A 11 19.86 1.34 -0.02
C PRO A 11 19.90 2.79 0.50
N ALA A 12 20.47 3.01 1.70
CA ALA A 12 20.55 4.37 2.27
C ALA A 12 21.43 5.27 1.42
N GLU A 13 22.60 4.77 1.05
CA GLU A 13 23.50 5.52 0.19
C GLU A 13 22.95 5.65 -1.26
N PHE A 14 22.26 4.62 -1.74
CA PHE A 14 21.62 4.73 -3.07
C PHE A 14 20.51 5.83 -3.03
N PHE A 15 19.72 5.84 -1.98
CA PHE A 15 18.75 6.95 -1.72
C PHE A 15 19.39 8.34 -1.78
N LYS A 16 20.48 8.53 -1.02
CA LYS A 16 21.14 9.83 -0.89
C LYS A 16 21.60 10.33 -2.26
N ARG A 17 22.06 9.42 -3.10
CA ARG A 17 22.57 9.80 -4.41
C ARG A 17 21.48 9.88 -5.47
N ASN A 18 20.37 9.18 -5.24
CA ASN A 18 19.28 9.08 -6.23
C ASN A 18 17.87 9.33 -5.63
N PRO A 19 17.70 10.42 -4.87
CA PRO A 19 16.45 10.53 -4.11
C PRO A 19 15.23 10.74 -5.04
N GLU A 20 15.49 11.19 -6.27
CA GLU A 20 14.44 11.33 -7.29
C GLU A 20 13.81 9.99 -7.71
N LEU A 21 14.57 8.93 -7.51
CA LEU A 21 14.09 7.54 -7.75
C LEU A 21 13.28 6.93 -6.59
N ALA A 22 13.19 7.68 -5.50
CA ALA A 22 12.60 7.20 -4.24
C ALA A 22 11.45 8.08 -3.73
N GLY A 23 10.97 8.92 -4.64
CA GLY A 23 9.87 9.82 -4.32
C GLY A 23 10.25 11.13 -3.65
N PHE A 24 11.55 11.43 -3.60
CA PHE A 24 12.06 12.71 -3.01
C PHE A 24 12.88 13.54 -4.04
N PRO A 25 12.34 13.79 -5.25
CA PRO A 25 13.13 14.55 -6.27
C PRO A 25 13.39 16.02 -5.93
N ASN A 26 12.51 16.60 -5.12
CA ASN A 26 12.54 18.02 -4.77
C ASN A 26 11.67 18.23 -3.51
N PRO A 27 11.74 19.41 -2.88
CA PRO A 27 10.99 19.63 -1.62
C PRO A 27 9.47 19.47 -1.70
N ALA A 28 8.86 19.87 -2.81
CA ALA A 28 7.41 19.71 -3.01
C ALA A 28 6.98 18.24 -2.91
N ARG A 29 7.71 17.36 -3.60
CA ARG A 29 7.42 15.94 -3.53
C ARG A 29 7.84 15.30 -2.21
N ALA A 30 8.95 15.77 -1.63
CA ALA A 30 9.37 15.33 -0.29
C ALA A 30 8.28 15.56 0.74
N LEU A 31 7.66 16.74 0.70
CA LEU A 31 6.60 17.09 1.62
C LEU A 31 5.40 16.14 1.44
N TYR A 32 4.96 15.98 0.19
CA TYR A 32 3.92 15.01 -0.22
C TYR A 32 4.21 13.56 0.23
N GLN A 33 5.42 13.10 -0.02
CA GLN A 33 5.83 11.74 0.26
C GLN A 33 5.94 11.48 1.76
N THR A 34 6.47 12.44 2.48
CA THR A 34 6.49 12.34 3.95
C THR A 34 5.09 12.17 4.52
N VAL A 35 4.14 12.95 4.00
CA VAL A 35 2.76 12.86 4.45
C VAL A 35 2.22 11.46 4.16
N ARG A 36 2.47 10.99 2.93
CA ARG A 36 2.08 9.64 2.54
C ARG A 36 2.62 8.57 3.47
N GLU A 37 3.94 8.56 3.67
CA GLU A 37 4.56 7.52 4.51
C GLU A 37 3.94 7.51 5.91
N LEU A 38 3.74 8.69 6.50
CA LEU A 38 3.15 8.72 7.85
C LEU A 38 1.69 8.23 7.87
N ILE A 39 0.88 8.69 6.90
CA ILE A 39 -0.52 8.24 6.84
C ILE A 39 -0.61 6.72 6.61
N GLU A 40 0.19 6.23 5.67
CA GLU A 40 0.22 4.79 5.38
C GLU A 40 0.60 3.90 6.57
N ASN A 41 1.64 4.31 7.32
CA ASN A 41 2.06 3.59 8.53
C ASN A 41 0.94 3.63 9.60
N SER A 42 0.31 4.80 9.74
CA SER A 42 -0.79 4.97 10.72
C SER A 42 -1.98 4.08 10.41
N LEU A 43 -2.27 3.90 9.11
CA LEU A 43 -3.34 3.03 8.70
C LEU A 43 -2.96 1.57 8.96
N ASP A 44 -1.73 1.19 8.63
CA ASP A 44 -1.27 -0.21 8.81
C ASP A 44 -1.21 -0.53 10.32
N ALA A 45 -1.06 0.51 11.14
CA ALA A 45 -0.98 0.35 12.62
C ALA A 45 -2.34 0.21 13.28
N THR A 46 -3.38 0.54 12.51
CA THR A 46 -4.75 0.57 13.01
C THR A 46 -5.61 -0.54 12.40
N ASP A 47 -5.98 -0.39 11.13
CA ASP A 47 -6.99 -1.25 10.56
C ASP A 47 -6.53 -2.69 10.35
N VAL A 48 -5.22 -2.88 10.19
CA VAL A 48 -4.66 -4.24 10.09
C VAL A 48 -4.87 -4.97 11.42
N HIS A 49 -5.06 -4.20 12.48
CA HIS A 49 -5.17 -4.78 13.83
C HIS A 49 -6.54 -4.62 14.45
N GLY A 50 -7.54 -4.35 13.62
CA GLY A 50 -8.94 -4.34 14.09
C GLY A 50 -9.35 -3.03 14.71
N ILE A 51 -8.53 -2.01 14.53
CA ILE A 51 -8.79 -0.72 15.17
C ILE A 51 -9.31 0.31 14.11
N LEU A 52 -10.45 0.94 14.37
CA LEU A 52 -10.91 2.05 13.55
C LEU A 52 -9.88 3.19 13.61
N PRO A 53 -9.29 3.54 12.46
CA PRO A 53 -8.25 4.58 12.41
C PRO A 53 -8.77 5.99 12.71
N ASN A 54 -8.17 6.63 13.72
CA ASN A 54 -8.49 8.01 14.06
C ASN A 54 -7.18 8.72 13.89
N ILE A 55 -7.05 9.43 12.77
CA ILE A 55 -5.74 9.95 12.37
C ILE A 55 -5.75 11.48 12.23
N LYS A 56 -4.77 12.15 12.84
CA LYS A 56 -4.63 13.60 12.75
C LYS A 56 -3.37 13.92 11.96
N ILE A 57 -3.52 14.75 10.94
CA ILE A 57 -2.40 15.22 10.14
C ILE A 57 -2.26 16.75 10.25
N THR A 58 -1.10 17.22 10.73
CA THR A 58 -0.88 18.67 10.68
C THR A 58 0.40 18.99 9.94
N ILE A 59 0.38 20.08 9.18
CA ILE A 59 1.61 20.54 8.56
C ILE A 59 1.79 22.01 8.88
N ASP A 60 2.97 22.35 9.41
CA ASP A 60 3.28 23.71 9.85
C ASP A 60 4.50 24.16 9.12
N LEU A 61 4.47 25.40 8.65
CA LEU A 61 5.67 26.07 8.11
C LEU A 61 6.52 26.59 9.29
N ILE A 62 7.69 25.99 9.50
CA ILE A 62 8.48 26.38 10.67
C ILE A 62 9.64 27.33 10.41
N ASP A 63 10.03 27.45 9.13
CA ASP A 63 11.05 28.37 8.71
C ASP A 63 10.70 28.85 7.31
N ASP A 64 10.21 30.08 7.24
CA ASP A 64 9.62 30.64 6.04
C ASP A 64 10.67 30.82 4.95
N ALA A 65 11.78 31.47 5.29
CA ALA A 65 12.80 31.75 4.30
C ALA A 65 13.40 30.48 3.71
N ARG A 66 13.65 29.48 4.57
CA ARG A 66 14.24 28.21 4.14
C ARG A 66 13.20 27.16 3.79
N GLN A 67 11.92 27.49 3.98
CA GLN A 67 10.83 26.62 3.53
C GLN A 67 10.98 25.25 4.18
N ILE A 68 11.09 25.27 5.50
CA ILE A 68 11.15 24.07 6.31
C ILE A 68 9.77 23.88 6.94
N TYR A 69 9.22 22.67 6.81
CA TYR A 69 7.90 22.34 7.37
C TYR A 69 8.02 21.21 8.36
N LYS A 70 7.17 21.24 9.40
CA LYS A 70 7.06 20.14 10.33
C LYS A 70 5.79 19.35 10.02
N VAL A 71 5.93 18.05 9.76
CA VAL A 71 4.77 17.22 9.43
C VAL A 71 4.53 16.34 10.65
N ASN A 72 3.31 16.40 11.19
CA ASN A 72 2.98 15.64 12.39
C ASN A 72 1.77 14.78 12.11
N VAL A 73 1.94 13.47 12.28
CA VAL A 73 0.81 12.53 12.17
C VAL A 73 0.63 11.76 13.46
N VAL A 74 -0.62 11.69 13.92
CA VAL A 74 -0.97 11.08 15.20
C VAL A 74 -2.01 10.01 14.91
N ASP A 75 -1.83 8.82 15.46
CA ASP A 75 -2.78 7.76 15.29
C ASP A 75 -3.13 7.05 16.61
N ASN A 76 -4.18 6.24 16.57
CA ASN A 76 -4.61 5.41 17.70
C ASN A 76 -4.28 3.93 17.49
N GLY A 77 -3.16 3.65 16.82
CA GLY A 77 -2.87 2.28 16.45
C GLY A 77 -2.25 1.50 17.60
N ILE A 78 -1.58 0.40 17.26
CA ILE A 78 -1.06 -0.51 18.26
C ILE A 78 0.24 -0.06 18.93
N GLY A 79 0.84 1.04 18.47
CA GLY A 79 2.08 1.55 19.06
C GLY A 79 3.34 0.75 18.72
N ILE A 80 4.49 1.24 19.14
CA ILE A 80 5.78 0.62 18.84
C ILE A 80 6.47 0.29 20.14
N PRO A 81 6.89 -0.97 20.30
CA PRO A 81 7.63 -1.29 21.49
C PRO A 81 8.85 -0.37 21.59
N PRO A 82 9.04 0.27 22.76
CA PRO A 82 10.09 1.28 22.88
C PRO A 82 11.47 0.81 22.38
N GLN A 83 11.80 -0.45 22.62
CA GLN A 83 13.14 -0.96 22.25
C GLN A 83 13.32 -1.02 20.73
N GLU A 84 12.22 -1.04 20.00
CA GLU A 84 12.28 -1.11 18.54
C GLU A 84 12.32 0.27 17.86
N VAL A 85 12.09 1.33 18.63
CA VAL A 85 11.92 2.65 18.05
C VAL A 85 13.20 3.13 17.36
N PRO A 86 14.36 3.04 18.05
CA PRO A 86 15.57 3.59 17.38
C PRO A 86 15.84 2.99 15.96
N ASN A 87 15.74 1.67 15.81
CA ASN A 87 15.98 1.08 14.48
C ASN A 87 14.87 1.30 13.49
N ALA A 88 13.63 1.48 13.99
CA ALA A 88 12.49 1.69 13.10
C ALA A 88 12.65 2.99 12.27
N PHE A 89 13.26 4.02 12.88
CA PHE A 89 13.42 5.34 12.25
C PHE A 89 14.86 5.62 11.77
N GLY A 90 15.83 4.93 12.38
CA GLY A 90 17.22 5.33 12.24
C GLY A 90 18.21 4.31 11.73
N ARG A 91 17.72 3.23 11.14
CA ARG A 91 18.61 2.19 10.58
C ARG A 91 17.99 1.59 9.35
N VAL A 92 18.56 1.91 8.20
CA VAL A 92 18.06 1.37 6.93
C VAL A 92 18.62 -0.05 6.73
N LEU A 93 17.72 -1.00 6.46
CA LEU A 93 18.12 -2.39 6.29
C LEU A 93 18.97 -2.54 5.03
N TYR A 94 19.84 -3.54 4.99
CA TYR A 94 20.73 -3.74 3.85
C TYR A 94 20.06 -4.41 2.64
N SER A 95 18.92 -5.07 2.87
CA SER A 95 18.07 -5.48 1.75
C SER A 95 16.60 -5.52 2.17
N SER A 96 15.71 -5.32 1.19
CA SER A 96 14.26 -5.43 1.41
C SER A 96 13.89 -6.84 1.84
N LYS A 97 13.01 -6.94 2.84
CA LYS A 97 12.50 -8.22 3.28
C LYS A 97 11.50 -8.78 2.24
N TYR A 98 11.56 -10.07 1.99
CA TYR A 98 10.56 -10.75 1.17
C TYR A 98 9.18 -10.46 1.74
N VAL A 99 8.24 -10.09 0.88
CA VAL A 99 6.94 -9.70 1.34
C VAL A 99 6.00 -10.91 1.52
N ASN A 100 5.48 -11.05 2.73
CA ASN A 100 4.63 -12.21 3.04
C ASN A 100 3.29 -11.78 3.61
N ARG A 101 3.05 -10.48 3.58
CA ARG A 101 1.80 -9.94 4.04
C ARG A 101 1.59 -8.59 3.36
N GLN A 102 0.39 -8.36 2.86
CA GLN A 102 0.12 -7.12 2.15
C GLN A 102 0.32 -5.91 3.08
N THR A 103 1.06 -4.90 2.61
CA THR A 103 1.29 -3.68 3.40
C THR A 103 1.12 -2.47 2.49
N ARG A 104 0.84 -1.30 3.07
CA ARG A 104 0.69 -0.12 2.23
C ARG A 104 2.10 0.46 1.99
N GLY A 105 2.37 0.86 0.75
CA GLY A 105 3.53 1.70 0.42
C GLY A 105 4.26 1.18 -0.80
N MET A 106 4.77 2.08 -1.65
CA MET A 106 5.59 1.73 -2.81
C MET A 106 7.05 1.51 -2.39
N TYR A 107 7.50 2.24 -1.38
CA TYR A 107 8.94 2.47 -1.22
C TYR A 107 9.52 1.65 -0.09
N GLY A 108 10.59 0.94 -0.40
CA GLY A 108 11.22 0.08 0.57
C GLY A 108 11.71 0.76 1.82
N LEU A 109 12.22 1.98 1.73
CA LEU A 109 12.70 2.68 2.94
C LEU A 109 11.57 3.15 3.86
N GLY A 110 10.35 3.27 3.33
CA GLY A 110 9.21 3.79 4.15
C GLY A 110 9.55 5.13 4.79
N VAL A 111 9.17 5.30 6.07
CA VAL A 111 9.43 6.51 6.83
C VAL A 111 10.94 6.84 6.90
N LYS A 112 11.79 5.82 6.80
CA LYS A 112 13.23 6.07 6.90
C LYS A 112 13.76 7.00 5.83
N ALA A 113 13.10 7.02 4.66
CA ALA A 113 13.47 7.99 3.61
C ALA A 113 13.17 9.42 4.04
N ALA A 114 12.02 9.65 4.69
CA ALA A 114 11.68 10.97 5.27
C ALA A 114 12.72 11.36 6.31
N VAL A 115 13.10 10.41 7.18
CA VAL A 115 14.10 10.66 8.22
C VAL A 115 15.48 11.04 7.64
N LEU A 116 16.02 10.25 6.71
CA LEU A 116 17.22 10.61 5.94
C LEU A 116 17.18 12.00 5.31
N TYR A 117 16.10 12.27 4.58
CA TYR A 117 15.92 13.58 3.97
C TYR A 117 15.94 14.69 5.04
N SER A 118 15.16 14.49 6.11
CA SER A 118 15.20 15.39 7.26
C SER A 118 16.64 15.66 7.73
N GLN A 119 17.41 14.60 7.97
CA GLN A 119 18.77 14.77 8.51
C GLN A 119 19.80 15.27 7.51
N MET A 120 19.56 15.02 6.24
CA MET A 120 20.40 15.51 5.16
C MET A 120 20.31 17.03 5.04
N HIS A 121 19.12 17.58 5.31
CA HIS A 121 18.81 18.95 4.87
C HIS A 121 18.52 20.01 5.93
N GLN A 122 18.35 19.60 7.18
CA GLN A 122 18.02 20.55 8.25
C GLN A 122 18.43 19.93 9.58
N ASP A 123 18.16 20.63 10.69
CA ASP A 123 18.86 20.39 11.96
C ASP A 123 17.99 19.86 13.12
N LYS A 124 16.67 19.91 12.99
CA LYS A 124 15.79 19.37 14.06
C LYS A 124 15.70 17.83 14.09
N PRO A 125 15.70 17.24 15.30
CA PRO A 125 15.50 15.80 15.36
C PRO A 125 14.02 15.43 15.06
N ILE A 126 13.79 14.15 14.79
CA ILE A 126 12.45 13.58 14.68
C ILE A 126 11.89 13.43 16.08
N GLU A 127 10.59 13.68 16.25
CA GLU A 127 9.94 13.59 17.55
C GLU A 127 8.93 12.44 17.54
N ILE A 128 9.09 11.50 18.46
CA ILE A 128 8.23 10.31 18.48
C ILE A 128 7.64 10.16 19.88
N GLU A 129 6.33 9.90 19.94
CA GLU A 129 5.68 9.49 21.19
C GLU A 129 4.85 8.24 20.87
N THR A 130 5.03 7.17 21.64
CA THR A 130 4.30 5.96 21.36
C THR A 130 3.85 5.23 22.64
N SER A 131 2.69 4.62 22.57
CA SER A 131 2.18 3.80 23.65
C SER A 131 1.57 2.50 23.07
N PRO A 132 2.28 1.37 23.22
CA PRO A 132 1.75 0.07 22.83
C PRO A 132 0.46 -0.23 23.56
N VAL A 133 -0.38 -1.07 22.96
CA VAL A 133 -1.58 -1.54 23.65
C VAL A 133 -1.30 -1.96 25.12
N ASN A 134 -2.03 -1.36 26.05
CA ASN A 134 -1.96 -1.72 27.50
C ASN A 134 -0.73 -1.20 28.23
N SER A 135 0.09 -0.38 27.56
CA SER A 135 1.26 0.19 28.20
C SER A 135 0.82 1.13 29.35
N LYS A 136 1.60 1.17 30.43
CA LYS A 136 1.31 2.11 31.50
C LYS A 136 1.97 3.45 31.27
N ARG A 137 2.74 3.54 30.19
CA ARG A 137 3.52 4.73 29.92
C ARG A 137 3.48 5.06 28.45
N ILE A 138 3.71 6.34 28.13
CA ILE A 138 3.94 6.80 26.77
C ILE A 138 5.44 7.02 26.66
N TYR A 139 6.05 6.48 25.63
CA TYR A 139 7.52 6.60 25.46
C TYR A 139 7.77 7.71 24.47
N THR A 140 8.68 8.60 24.83
CA THR A 140 8.99 9.74 24.02
C THR A 140 10.44 9.64 23.58
N PHE A 141 10.70 10.10 22.36
CA PHE A 141 12.05 10.13 21.79
C PHE A 141 12.27 11.39 20.96
N LYS A 142 13.47 11.95 20.99
CA LYS A 142 13.91 12.78 19.89
C LYS A 142 15.11 12.05 19.31
N LEU A 143 15.15 11.94 18.00
CA LEU A 143 15.94 10.95 17.33
C LEU A 143 16.49 11.56 16.05
N LYS A 144 17.67 11.09 15.61
CA LYS A 144 18.17 11.33 14.27
C LYS A 144 18.68 10.03 13.67
N ILE A 145 18.69 9.94 12.35
CA ILE A 145 19.50 8.90 11.72
C ILE A 145 20.91 9.48 11.52
N ASP A 146 21.95 8.74 11.91
CA ASP A 146 23.32 9.12 11.54
C ASP A 146 23.53 8.97 10.02
N ILE A 147 23.68 10.07 9.30
CA ILE A 147 23.64 10.00 7.81
C ILE A 147 24.86 9.32 7.23
N ASN A 148 25.92 9.23 8.04
CA ASN A 148 27.16 8.53 7.69
C ASN A 148 27.23 7.06 8.15
N LYS A 149 26.70 6.78 9.34
CA LYS A 149 26.88 5.45 9.93
C LYS A 149 25.66 4.53 9.72
N ASN A 150 24.57 5.11 9.23
CA ASN A 150 23.29 4.38 9.11
C ASN A 150 22.94 3.73 10.43
N GLU A 151 22.79 4.57 11.45
CA GLU A 151 22.42 4.10 12.78
C GLU A 151 21.71 5.22 13.53
N PRO A 152 20.85 4.84 14.52
CA PRO A 152 20.06 5.84 15.25
C PRO A 152 20.94 6.67 16.16
N ILE A 153 20.58 7.93 16.32
CA ILE A 153 21.13 8.77 17.36
C ILE A 153 19.98 9.15 18.27
N ILE A 154 20.07 8.77 19.53
CA ILE A 154 19.05 9.13 20.49
C ILE A 154 19.44 10.45 21.17
N VAL A 155 18.75 11.51 20.80
CA VAL A 155 19.02 12.83 21.30
C VAL A 155 18.36 12.99 22.66
N GLU A 156 17.13 12.50 22.77
CA GLU A 156 16.39 12.51 24.03
C GLU A 156 15.53 11.24 24.06
N ARG A 157 15.36 10.67 25.26
CA ARG A 157 14.51 9.49 25.48
C ARG A 157 13.90 9.55 26.89
N GLY A 158 12.61 9.29 26.99
CA GLY A 158 11.92 9.44 28.26
C GLY A 158 10.55 8.82 28.17
N SER A 159 9.73 9.05 29.19
CA SER A 159 8.39 8.50 29.21
C SER A 159 7.54 9.25 30.22
N VAL A 160 6.22 9.14 30.04
CA VAL A 160 5.28 9.75 30.98
C VAL A 160 4.19 8.73 31.24
N GLU A 161 3.50 8.91 32.36
CA GLU A 161 2.37 8.07 32.71
C GLU A 161 1.27 8.16 31.65
N ASN A 162 0.73 7.00 31.29
CA ASN A 162 -0.32 6.90 30.27
C ASN A 162 -1.69 7.13 30.93
N THR A 163 -2.74 7.24 30.12
CA THR A 163 -4.12 7.36 30.63
C THR A 163 -4.91 6.13 30.19
N ARG A 164 -6.07 5.92 30.82
CA ARG A 164 -6.95 4.79 30.55
C ARG A 164 -7.18 4.54 29.05
N GLY A 165 -6.75 3.37 28.58
CA GLY A 165 -7.13 2.86 27.25
C GLY A 165 -6.37 3.50 26.09
N PHE A 166 -5.35 4.30 26.40
CA PHE A 166 -4.68 4.99 25.31
C PHE A 166 -3.60 4.12 24.69
N HIS A 167 -3.55 4.10 23.36
CA HIS A 167 -2.44 3.43 22.66
C HIS A 167 -2.29 4.14 21.31
N GLY A 168 -1.07 4.19 20.80
CA GLY A 168 -0.87 4.69 19.44
C GLY A 168 0.47 5.38 19.34
N THR A 169 0.64 6.15 18.29
CA THR A 169 1.92 6.73 17.95
C THR A 169 1.76 8.12 17.33
N SER A 170 2.66 9.02 17.73
CA SER A 170 2.76 10.36 17.16
C SER A 170 4.17 10.54 16.56
N VAL A 171 4.25 10.99 15.32
CA VAL A 171 5.54 11.20 14.66
C VAL A 171 5.52 12.62 14.11
N ALA A 172 6.59 13.38 14.37
CA ALA A 172 6.79 14.69 13.72
C ALA A 172 8.18 14.75 13.07
N ILE A 173 8.19 15.13 11.81
CA ILE A 173 9.41 15.13 11.02
C ILE A 173 9.55 16.52 10.38
N SER A 174 10.71 17.14 10.53
CA SER A 174 10.94 18.47 9.91
C SER A 174 11.81 18.36 8.66
N ILE A 175 11.36 18.99 7.59
CA ILE A 175 11.94 18.78 6.26
C ILE A 175 11.75 20.00 5.37
N PRO A 176 12.68 20.20 4.40
CA PRO A 176 12.42 21.08 3.27
C PRO A 176 11.09 20.69 2.61
N GLY A 177 10.29 21.69 2.25
CA GLY A 177 9.06 21.41 1.53
C GLY A 177 8.68 22.53 0.62
N ASP A 178 7.60 22.35 -0.13
CA ASP A 178 7.00 23.48 -0.89
C ASP A 178 5.51 23.27 -0.86
N TRP A 179 4.86 23.87 0.14
CA TRP A 179 3.39 23.73 0.27
C TRP A 179 2.55 24.22 -0.95
N PRO A 180 2.77 25.47 -1.44
CA PRO A 180 1.99 25.89 -2.62
C PRO A 180 2.06 24.93 -3.83
N LYS A 181 3.23 24.35 -4.06
CA LYS A 181 3.39 23.38 -5.14
C LYS A 181 2.70 22.05 -4.85
N ALA A 182 2.81 21.57 -3.62
CA ALA A 182 2.38 20.24 -3.23
C ALA A 182 0.90 20.20 -2.85
N LYS A 183 0.33 21.36 -2.57
CA LYS A 183 -0.95 21.49 -1.90
C LYS A 183 -2.05 20.64 -2.55
N SER A 184 -2.29 20.80 -3.85
CA SER A 184 -3.49 20.18 -4.45
C SER A 184 -3.39 18.64 -4.40
N ARG A 185 -2.19 18.13 -4.57
CA ARG A 185 -1.98 16.69 -4.57
C ARG A 185 -1.98 16.05 -3.18
N ILE A 186 -1.58 16.82 -2.16
CA ILE A 186 -1.71 16.38 -0.78
C ILE A 186 -3.18 16.26 -0.42
N TYR A 187 -3.97 17.29 -0.73
CA TYR A 187 -5.43 17.23 -0.55
C TYR A 187 -6.05 16.04 -1.32
N GLU A 188 -5.59 15.81 -2.55
CA GLU A 188 -6.17 14.78 -3.38
C GLU A 188 -5.81 13.42 -2.83
N TYR A 189 -4.57 13.32 -2.30
CA TYR A 189 -4.11 12.09 -1.68
C TYR A 189 -4.99 11.68 -0.51
N ILE A 190 -5.27 12.65 0.35
CA ILE A 190 -6.10 12.43 1.50
C ILE A 190 -7.54 12.09 1.10
N LYS A 191 -8.13 12.90 0.21
CA LYS A 191 -9.49 12.61 -0.32
C LYS A 191 -9.60 11.16 -0.85
N ARG A 192 -8.67 10.80 -1.71
CA ARG A 192 -8.71 9.49 -2.34
C ARG A 192 -8.50 8.36 -1.34
N THR A 193 -7.70 8.60 -0.31
CA THR A 193 -7.60 7.64 0.80
C THR A 193 -8.95 7.44 1.48
N TYR A 194 -9.60 8.55 1.80
CA TYR A 194 -10.87 8.57 2.48
C TYR A 194 -11.94 7.82 1.73
N ILE A 195 -11.92 7.97 0.38
CA ILE A 195 -12.91 7.30 -0.48
C ILE A 195 -12.94 5.80 -0.22
N ILE A 196 -11.78 5.16 -0.08
CA ILE A 196 -11.76 3.72 0.11
C ILE A 196 -11.49 3.31 1.56
N THR A 197 -11.49 4.32 2.44
CA THR A 197 -11.34 4.10 3.87
C THR A 197 -12.45 4.84 4.63
N PRO A 198 -13.73 4.55 4.30
CA PRO A 198 -14.81 5.29 4.98
C PRO A 198 -15.01 4.93 6.48
N TYR A 199 -14.34 3.90 6.97
CA TYR A 199 -14.31 3.61 8.42
C TYR A 199 -13.18 4.34 9.20
N ALA A 200 -12.33 5.09 8.48
CA ALA A 200 -11.36 5.98 9.12
C ALA A 200 -11.94 7.39 9.35
N GLU A 201 -11.36 8.08 10.32
CA GLU A 201 -11.71 9.46 10.56
C GLU A 201 -10.41 10.28 10.47
N PHE A 202 -10.41 11.32 9.65
CA PHE A 202 -9.24 12.15 9.52
C PHE A 202 -9.53 13.59 9.87
N ILE A 203 -8.50 14.22 10.44
CA ILE A 203 -8.43 15.65 10.60
C ILE A 203 -7.13 16.09 9.93
N PHE A 204 -7.22 17.13 9.12
CA PHE A 204 -6.04 17.67 8.43
C PHE A 204 -6.00 19.16 8.66
N LYS A 205 -4.92 19.63 9.25
CA LYS A 205 -4.71 21.04 9.37
C LYS A 205 -3.48 21.44 8.56
N ASP A 206 -3.67 22.34 7.60
CA ASP A 206 -2.59 22.66 6.66
C ASP A 206 -1.74 23.85 7.12
N PRO A 207 -0.66 24.18 6.37
CA PRO A 207 0.21 25.26 6.85
C PRO A 207 -0.45 26.63 6.87
N GLU A 208 -1.57 26.77 6.18
CA GLU A 208 -2.29 28.05 6.12
C GLU A 208 -3.35 28.12 7.19
N GLY A 209 -3.41 27.07 7.99
CA GLY A 209 -4.37 26.97 9.09
C GLY A 209 -5.75 26.47 8.69
N ASN A 210 -5.93 26.05 7.43
CA ASN A 210 -7.18 25.42 7.00
C ASN A 210 -7.36 24.08 7.73
N VAL A 211 -8.59 23.78 8.13
CA VAL A 211 -8.92 22.50 8.76
C VAL A 211 -10.01 21.78 7.96
N THR A 212 -9.71 20.55 7.58
CA THR A 212 -10.65 19.65 6.93
C THR A 212 -10.93 18.43 7.80
N TYR A 213 -12.20 18.09 7.88
CA TYR A 213 -12.64 16.99 8.74
C TYR A 213 -13.30 15.94 7.86
N TYR A 214 -12.83 14.69 7.97
CA TYR A 214 -13.33 13.59 7.15
C TYR A 214 -13.93 12.57 8.11
N PRO A 215 -15.25 12.63 8.32
CA PRO A 215 -15.84 11.87 9.42
C PRO A 215 -15.98 10.38 9.14
N ARG A 216 -15.95 9.56 10.19
CA ARG A 216 -16.19 8.13 10.05
C ARG A 216 -17.60 7.92 9.51
N LEU A 217 -17.72 7.05 8.51
CA LEU A 217 -19.02 6.78 7.86
C LEU A 217 -19.54 5.41 8.22
N THR A 218 -18.68 4.54 8.73
CA THR A 218 -19.08 3.18 9.02
C THR A 218 -18.08 2.62 10.03
N ASN A 219 -18.48 1.60 10.78
CA ASN A 219 -17.51 0.89 11.62
C ASN A 219 -17.04 -0.46 11.06
N LYS A 220 -17.38 -0.76 9.81
CA LYS A 220 -17.00 -2.05 9.19
C LYS A 220 -15.59 -1.97 8.64
N ILE A 221 -14.73 -2.86 9.13
CA ILE A 221 -13.33 -2.92 8.69
C ILE A 221 -13.09 -4.21 7.96
N PRO A 222 -12.48 -4.15 6.78
CA PRO A 222 -12.26 -5.37 6.03
C PRO A 222 -11.36 -6.32 6.78
N LYS A 223 -11.50 -7.60 6.49
CA LYS A 223 -10.62 -8.63 7.03
C LYS A 223 -9.15 -8.30 6.78
N PRO A 224 -8.32 -8.34 7.83
CA PRO A 224 -6.92 -8.00 7.64
C PRO A 224 -6.15 -9.04 6.82
N PRO A 225 -5.00 -8.65 6.25
CA PRO A 225 -4.12 -9.63 5.60
C PRO A 225 -3.44 -10.49 6.68
N GLN A 226 -2.95 -11.69 6.33
CA GLN A 226 -2.29 -12.57 7.30
C GLN A 226 -0.98 -12.96 6.73
N GLU A 227 0.03 -13.11 7.57
CA GLU A 227 1.33 -13.56 7.11
C GLU A 227 1.23 -14.96 6.51
N VAL A 228 1.89 -15.18 5.38
CA VAL A 228 1.96 -16.51 4.79
C VAL A 228 3.43 -16.90 4.64
N LYS A 229 3.68 -18.17 4.37
CA LYS A 229 5.02 -18.61 4.06
C LYS A 229 5.23 -18.36 2.58
N PRO A 230 6.47 -18.14 2.18
CA PRO A 230 6.71 -17.79 0.78
C PRO A 230 6.33 -18.93 -0.17
N HIS A 231 5.81 -18.55 -1.34
CA HIS A 231 5.52 -19.51 -2.37
C HIS A 231 6.79 -19.82 -3.17
N PRO A 232 7.04 -21.12 -3.43
CA PRO A 232 8.32 -21.55 -4.02
C PRO A 232 8.71 -20.83 -5.31
N TYR A 233 7.71 -20.47 -6.11
CA TYR A 233 7.97 -19.77 -7.36
C TYR A 233 8.45 -18.32 -7.14
N GLY A 234 8.18 -17.75 -5.97
CA GLY A 234 8.60 -16.37 -5.73
C GLY A 234 10.05 -16.18 -5.27
N VAL A 235 10.75 -17.26 -4.89
CA VAL A 235 12.06 -17.12 -4.23
C VAL A 235 13.22 -17.33 -5.20
N ASP A 236 14.26 -16.52 -5.08
CA ASP A 236 15.51 -16.75 -5.83
C ASP A 236 16.59 -17.29 -4.88
N ARG A 237 17.84 -17.36 -5.35
CA ARG A 237 18.95 -17.92 -4.57
C ARG A 237 19.10 -17.21 -3.23
N GLU A 238 19.16 -15.88 -3.33
CA GLU A 238 19.49 -15.02 -2.21
C GLU A 238 18.45 -15.15 -1.12
N GLU A 239 17.19 -15.26 -1.54
CA GLU A 239 16.08 -15.38 -0.63
C GLU A 239 16.09 -16.75 0.07
N ILE A 240 16.49 -17.79 -0.65
CA ILE A 240 16.65 -19.08 0.00
C ILE A 240 17.75 -19.08 1.07
N LYS A 241 18.89 -18.47 0.75
CA LYS A 241 19.98 -18.38 1.75
C LYS A 241 19.50 -17.61 2.98
N ILE A 242 18.69 -16.58 2.75
CA ILE A 242 18.19 -15.77 3.84
C ILE A 242 17.31 -16.65 4.74
N LEU A 243 16.41 -17.41 4.13
CA LEU A 243 15.55 -18.34 4.87
C LEU A 243 16.39 -19.35 5.65
N ILE A 244 17.40 -19.92 5.00
CA ILE A 244 18.33 -20.85 5.69
C ILE A 244 19.02 -20.17 6.88
N ASN A 245 19.67 -19.03 6.61
CA ASN A 245 20.34 -18.28 7.67
C ASN A 245 19.48 -17.95 8.89
N ASN A 246 18.17 -17.84 8.67
CA ASN A 246 17.25 -17.40 9.72
C ASN A 246 16.69 -18.51 10.56
N LEU A 247 16.97 -19.75 10.17
CA LEU A 247 16.44 -20.90 10.89
C LEU A 247 16.90 -20.92 12.34
N LYS A 248 15.96 -21.15 13.24
CA LYS A 248 16.29 -21.41 14.64
C LYS A 248 16.69 -22.88 14.86
N ARG A 249 16.27 -23.79 13.98
CA ARG A 249 16.67 -25.18 14.14
C ARG A 249 17.38 -25.87 12.97
N ASP A 250 17.90 -27.07 13.25
CA ASP A 250 18.71 -27.83 12.32
C ASP A 250 17.82 -28.76 11.49
N TYR A 251 16.96 -28.14 10.69
CA TYR A 251 16.13 -28.80 9.73
C TYR A 251 16.94 -29.57 8.68
N THR A 252 16.44 -30.73 8.28
CA THR A 252 16.88 -31.34 7.04
C THR A 252 16.33 -30.56 5.84
N ILE A 253 16.87 -30.81 4.65
CA ILE A 253 16.34 -30.18 3.46
C ILE A 253 14.85 -30.48 3.35
N LYS A 254 14.46 -31.73 3.60
CA LYS A 254 13.03 -32.07 3.52
C LYS A 254 12.19 -31.27 4.51
N GLU A 255 12.63 -31.23 5.77
CA GLU A 255 11.95 -30.44 6.81
C GLU A 255 11.86 -28.98 6.43
N PHE A 256 12.96 -28.47 5.85
CA PHE A 256 13.01 -27.12 5.32
C PHE A 256 11.90 -26.85 4.28
N LEU A 257 11.78 -27.76 3.30
CA LEU A 257 10.80 -27.57 2.23
C LEU A 257 9.39 -27.54 2.78
N VAL A 258 9.10 -28.48 3.66
CA VAL A 258 7.74 -28.67 4.17
C VAL A 258 7.34 -27.51 5.10
N ASN A 259 8.27 -27.02 5.89
CA ASN A 259 7.93 -26.07 6.93
C ASN A 259 8.14 -24.60 6.58
N GLU A 260 9.01 -24.30 5.62
CA GLU A 260 9.32 -22.91 5.29
C GLU A 260 8.57 -22.35 4.06
N PHE A 261 7.79 -23.18 3.38
CA PHE A 261 7.15 -22.73 2.14
C PHE A 261 5.68 -23.03 2.13
N GLN A 262 4.93 -22.29 1.30
CA GLN A 262 3.58 -22.66 0.89
C GLN A 262 3.61 -23.81 -0.06
N SER A 263 2.54 -24.59 -0.06
CA SER A 263 2.25 -25.57 -1.10
C SER A 263 3.29 -26.70 -1.23
N ILE A 264 3.98 -27.03 -0.14
CA ILE A 264 4.85 -28.21 -0.13
C ILE A 264 4.47 -29.14 1.03
N GLY A 265 3.60 -30.10 0.75
CA GLY A 265 3.34 -31.17 1.66
C GLY A 265 4.42 -32.24 1.60
N ASP A 266 4.17 -33.34 2.29
CA ASP A 266 5.11 -34.44 2.39
C ASP A 266 5.50 -35.05 1.03
N THR A 267 4.49 -35.39 0.24
CA THR A 267 4.72 -35.98 -1.08
C THR A 267 5.41 -35.02 -2.07
N THR A 268 4.96 -33.75 -2.10
CA THR A 268 5.53 -32.73 -2.99
C THR A 268 7.02 -32.52 -2.70
N ALA A 269 7.37 -32.40 -1.44
CA ALA A 269 8.76 -32.26 -1.00
C ALA A 269 9.58 -33.43 -1.55
N ASP A 270 9.05 -34.64 -1.38
CA ASP A 270 9.69 -35.87 -1.84
C ASP A 270 10.02 -35.75 -3.33
N LYS A 271 9.04 -35.34 -4.13
CA LYS A 271 9.20 -35.12 -5.58
C LYS A 271 10.18 -34.00 -5.90
N ILE A 272 10.06 -32.88 -5.19
CA ILE A 272 11.02 -31.78 -5.33
C ILE A 272 12.46 -32.25 -5.05
N LEU A 273 12.63 -32.98 -3.94
CA LEU A 273 13.96 -33.47 -3.54
C LEU A 273 14.57 -34.40 -4.59
N GLU A 274 13.72 -35.19 -5.22
CA GLU A 274 14.14 -36.17 -6.21
C GLU A 274 14.56 -35.44 -7.50
N LEU A 275 13.71 -34.54 -7.97
CA LEU A 275 14.01 -33.72 -9.13
C LEU A 275 15.27 -32.88 -8.93
N ALA A 276 15.47 -32.37 -7.71
CA ALA A 276 16.58 -31.45 -7.41
C ALA A 276 17.90 -32.17 -7.24
N GLY A 277 17.85 -33.47 -6.97
CA GLY A 277 19.07 -34.26 -6.74
C GLY A 277 19.63 -33.98 -5.36
N LEU A 278 18.72 -33.86 -4.40
CA LEU A 278 19.06 -33.57 -3.02
C LEU A 278 18.69 -34.73 -2.10
N LYS A 279 19.50 -34.93 -1.06
CA LYS A 279 19.22 -35.90 -0.01
C LYS A 279 18.22 -35.33 1.00
N PRO A 280 17.11 -36.05 1.23
CA PRO A 280 16.07 -35.55 2.11
C PRO A 280 16.61 -35.21 3.52
N ASN A 281 17.53 -36.04 4.01
CA ASN A 281 17.97 -35.94 5.40
C ASN A 281 19.27 -35.18 5.62
N LYS A 282 19.88 -34.67 4.55
CA LYS A 282 20.96 -33.70 4.70
C LYS A 282 20.47 -32.48 5.47
N LYS A 283 21.34 -31.95 6.32
CA LYS A 283 21.02 -30.72 7.07
C LYS A 283 21.06 -29.52 6.13
N VAL A 284 19.98 -28.75 6.11
CA VAL A 284 19.89 -27.66 5.14
C VAL A 284 20.92 -26.54 5.34
N LYS A 285 21.38 -26.34 6.56
CA LYS A 285 22.50 -25.40 6.79
C LYS A 285 23.75 -25.79 5.99
N ASN A 286 23.82 -27.06 5.57
CA ASN A 286 24.92 -27.53 4.73
C ASN A 286 24.72 -27.47 3.21
N LEU A 287 23.56 -26.98 2.76
CA LEU A 287 23.30 -26.85 1.32
C LEU A 287 24.41 -26.04 0.67
N THR A 288 25.03 -26.59 -0.38
CA THR A 288 26.07 -25.87 -1.14
C THR A 288 25.44 -24.98 -2.20
N GLU A 289 26.27 -24.14 -2.84
CA GLU A 289 25.80 -23.24 -3.89
C GLU A 289 25.14 -24.00 -5.05
N GLU A 290 25.80 -25.08 -5.51
CA GLU A 290 25.30 -25.88 -6.62
C GLU A 290 23.93 -26.45 -6.27
N GLU A 291 23.73 -26.81 -5.00
CA GLU A 291 22.49 -27.43 -4.52
C GLU A 291 21.32 -26.46 -4.48
N ILE A 292 21.57 -25.25 -3.98
CA ILE A 292 20.64 -24.12 -4.04
C ILE A 292 20.22 -23.81 -5.48
N THR A 293 21.19 -23.81 -6.40
CA THR A 293 20.94 -23.57 -7.82
C THR A 293 19.94 -24.56 -8.37
N ARG A 294 20.15 -25.84 -8.08
CA ARG A 294 19.25 -26.88 -8.57
C ARG A 294 17.88 -26.75 -7.95
N LEU A 295 17.83 -26.41 -6.68
CA LEU A 295 16.57 -26.22 -6.00
C LEU A 295 15.73 -25.10 -6.64
N VAL A 296 16.36 -23.95 -6.87
CA VAL A 296 15.68 -22.82 -7.49
C VAL A 296 15.18 -23.18 -8.89
N GLU A 297 16.02 -23.89 -9.66
CA GLU A 297 15.65 -24.37 -10.99
C GLU A 297 14.46 -25.31 -10.95
N THR A 298 14.52 -26.30 -10.06
CA THR A 298 13.42 -27.19 -9.80
C THR A 298 12.14 -26.43 -9.42
N PHE A 299 12.26 -25.42 -8.57
CA PHE A 299 11.14 -24.55 -8.20
C PHE A 299 10.52 -23.88 -9.41
N LYS A 300 11.35 -23.27 -10.27
CA LYS A 300 10.87 -22.55 -11.45
C LYS A 300 10.18 -23.49 -12.42
N LYS A 301 10.60 -24.74 -12.44
CA LYS A 301 10.12 -25.66 -13.46
C LYS A 301 8.91 -26.49 -13.02
N TYR A 302 8.71 -26.58 -11.71
CA TYR A 302 7.77 -27.55 -11.14
C TYR A 302 6.39 -27.07 -11.51
N GLU A 303 5.56 -27.97 -12.02
CA GLU A 303 4.26 -27.55 -12.55
C GLU A 303 3.11 -27.80 -11.60
N ASP A 304 3.42 -28.35 -10.43
CA ASP A 304 2.37 -28.92 -9.61
C ASP A 304 2.14 -28.29 -8.24
N PHE A 305 2.53 -27.02 -8.09
CA PHE A 305 2.25 -26.26 -6.86
C PHE A 305 0.82 -25.73 -6.92
N ARG A 306 0.15 -25.58 -5.77
CA ARG A 306 -1.07 -24.79 -5.70
C ARG A 306 -0.74 -23.30 -5.94
N SER A 307 -1.73 -22.51 -6.35
CA SER A 307 -1.50 -21.07 -6.53
C SER A 307 -1.10 -20.43 -5.22
N PRO A 308 -0.26 -19.37 -5.28
CA PRO A 308 -0.01 -18.53 -4.10
C PRO A 308 -1.31 -18.20 -3.32
N SER A 309 -1.30 -18.50 -2.02
CA SER A 309 -2.48 -18.25 -1.19
C SER A 309 -2.82 -16.77 -1.16
N ALA A 310 -4.11 -16.43 -1.23
CA ALA A 310 -4.54 -15.04 -1.14
C ALA A 310 -4.74 -14.61 0.33
N ASP A 311 -4.42 -15.50 1.27
CA ASP A 311 -4.52 -15.20 2.69
C ASP A 311 -3.70 -13.97 3.09
N SER A 312 -2.65 -13.66 2.34
CA SER A 312 -1.76 -12.53 2.63
C SER A 312 -2.31 -11.18 2.12
N LEU A 313 -3.47 -11.21 1.49
CA LEU A 313 -4.07 -10.00 0.93
C LEU A 313 -5.29 -9.49 1.73
N SER A 314 -5.65 -8.24 1.49
CA SER A 314 -6.79 -7.61 2.12
C SER A 314 -7.44 -6.67 1.10
N VAL A 315 -8.71 -6.89 0.80
CA VAL A 315 -9.41 -6.12 -0.20
C VAL A 315 -10.12 -4.97 0.52
N ILE A 316 -10.57 -3.98 -0.24
CA ILE A 316 -11.44 -2.96 0.30
C ILE A 316 -12.85 -3.55 0.50
N GLY A 317 -13.33 -4.30 -0.50
CA GLY A 317 -14.68 -4.88 -0.47
C GLY A 317 -15.70 -4.04 -1.25
N GLU A 318 -16.60 -4.71 -1.98
CA GLU A 318 -17.61 -4.03 -2.78
C GLU A 318 -18.47 -3.06 -1.99
N ASP A 319 -18.88 -3.46 -0.80
CA ASP A 319 -19.69 -2.64 0.10
C ASP A 319 -19.04 -1.30 0.45
N LEU A 320 -17.77 -1.33 0.85
CA LEU A 320 -17.01 -0.11 1.16
C LEU A 320 -16.67 0.73 -0.07
N ILE A 321 -16.31 0.08 -1.16
CA ILE A 321 -16.04 0.83 -2.40
C ILE A 321 -17.29 1.62 -2.76
N GLU A 322 -18.46 0.97 -2.75
CA GLU A 322 -19.70 1.63 -3.11
C GLU A 322 -20.10 2.76 -2.15
N LEU A 323 -19.91 2.50 -0.87
CA LEU A 323 -20.25 3.47 0.18
C LEU A 323 -19.37 4.71 0.01
N GLY A 324 -18.06 4.50 -0.16
CA GLY A 324 -17.12 5.62 -0.36
C GLY A 324 -17.45 6.43 -1.60
N LEU A 325 -17.69 5.75 -2.73
CA LEU A 325 -18.05 6.43 -3.98
C LEU A 325 -19.33 7.27 -3.80
N LYS A 326 -20.34 6.67 -3.18
CA LYS A 326 -21.63 7.33 -3.02
C LYS A 326 -21.53 8.54 -2.11
N LYS A 327 -20.85 8.38 -0.97
CA LYS A 327 -20.76 9.49 0.01
C LYS A 327 -19.94 10.67 -0.53
N ILE A 328 -18.86 10.37 -1.24
CA ILE A 328 -17.99 11.43 -1.76
C ILE A 328 -18.49 12.11 -3.05
N PHE A 329 -19.00 11.31 -3.99
CA PHE A 329 -19.38 11.85 -5.28
C PHE A 329 -20.88 12.15 -5.42
N ASN A 330 -21.71 11.66 -4.50
CA ASN A 330 -23.17 11.74 -4.60
C ASN A 330 -23.66 11.48 -6.06
N PRO A 331 -23.34 10.30 -6.62
CA PRO A 331 -23.72 9.93 -7.99
C PRO A 331 -25.18 9.45 -8.01
N ASP A 332 -25.68 9.18 -9.20
CA ASP A 332 -27.03 8.60 -9.36
C ASP A 332 -26.96 7.09 -9.17
N PHE A 333 -25.77 6.54 -9.43
CA PHE A 333 -25.59 5.09 -9.49
C PHE A 333 -24.13 4.83 -9.16
N ALA A 334 -23.92 3.76 -8.41
CA ALA A 334 -22.56 3.24 -8.22
C ALA A 334 -22.61 1.71 -8.21
N ALA A 335 -21.52 1.11 -8.68
CA ALA A 335 -21.38 -0.34 -8.66
C ALA A 335 -19.90 -0.69 -8.46
N SER A 336 -19.66 -1.92 -8.02
CA SER A 336 -18.27 -2.39 -7.83
C SER A 336 -18.16 -3.89 -8.02
N ILE A 337 -16.93 -4.36 -8.11
CA ILE A 337 -16.66 -5.79 -8.09
C ILE A 337 -15.34 -6.07 -7.37
N THR A 338 -15.32 -7.13 -6.58
CA THR A 338 -14.09 -7.67 -6.00
C THR A 338 -13.88 -9.02 -6.67
N ARG A 339 -12.85 -9.13 -7.50
CA ARG A 339 -12.63 -10.34 -8.25
C ARG A 339 -12.06 -11.44 -7.35
N LYS A 340 -12.25 -12.68 -7.76
CA LYS A 340 -11.55 -13.83 -7.16
C LYS A 340 -10.03 -13.71 -7.38
N PRO A 341 -9.21 -14.23 -6.45
CA PRO A 341 -7.76 -13.99 -6.58
C PRO A 341 -7.13 -14.69 -7.77
N LYS A 342 -6.05 -14.11 -8.28
CA LYS A 342 -5.20 -14.70 -9.30
C LYS A 342 -3.79 -14.72 -8.73
N ALA A 343 -2.79 -14.95 -9.56
CA ALA A 343 -1.43 -14.99 -9.08
C ALA A 343 -0.48 -14.69 -10.21
N TYR A 344 0.70 -14.21 -9.86
CA TYR A 344 1.75 -14.16 -10.84
C TYR A 344 3.12 -14.10 -10.18
N GLN A 345 4.09 -14.70 -10.83
CA GLN A 345 5.45 -14.77 -10.31
C GLN A 345 5.55 -15.09 -8.81
N GLY A 346 4.73 -16.05 -8.35
CA GLY A 346 4.81 -16.53 -6.97
C GLY A 346 4.04 -15.69 -5.93
N HIS A 347 3.27 -14.71 -6.39
CA HIS A 347 2.51 -13.86 -5.47
C HIS A 347 1.05 -13.80 -5.89
N PRO A 348 0.13 -13.79 -4.92
CA PRO A 348 -1.28 -13.75 -5.30
C PRO A 348 -1.61 -12.29 -5.66
N PHE A 349 -2.65 -12.08 -6.45
CA PHE A 349 -3.18 -10.74 -6.58
C PHE A 349 -4.69 -10.74 -6.74
N ILE A 350 -5.31 -9.65 -6.28
CA ILE A 350 -6.73 -9.40 -6.49
C ILE A 350 -6.95 -8.00 -7.16
N VAL A 351 -7.88 -7.96 -8.11
CA VAL A 351 -8.36 -6.69 -8.67
C VAL A 351 -9.77 -6.38 -8.18
N GLU A 352 -10.01 -5.13 -7.77
CA GLU A 352 -11.37 -4.63 -7.53
C GLU A 352 -11.57 -3.45 -8.45
N ALA A 353 -12.81 -3.24 -8.86
CA ALA A 353 -13.13 -2.11 -9.70
C ALA A 353 -14.44 -1.48 -9.24
N GLY A 354 -14.62 -0.20 -9.54
CA GLY A 354 -15.83 0.48 -9.14
C GLY A 354 -16.20 1.53 -10.17
N VAL A 355 -17.49 1.85 -10.26
CA VAL A 355 -17.92 2.93 -11.14
C VAL A 355 -18.98 3.78 -10.40
N ALA A 356 -18.90 5.10 -10.53
CA ALA A 356 -19.95 5.98 -10.03
C ALA A 356 -20.38 6.87 -11.18
N PHE A 357 -21.69 7.08 -11.31
CA PHE A 357 -22.20 7.72 -12.52
C PHE A 357 -23.24 8.78 -12.19
N GLY A 358 -23.15 9.94 -12.83
CA GLY A 358 -24.22 10.97 -12.75
C GLY A 358 -24.18 11.80 -11.47
N GLY A 359 -25.35 12.31 -11.07
CA GLY A 359 -25.52 13.11 -9.86
C GLY A 359 -24.59 14.30 -9.82
N SER A 360 -23.80 14.39 -8.76
CA SER A 360 -22.98 15.57 -8.54
C SER A 360 -21.64 15.53 -9.26
N ILE A 361 -21.30 14.39 -9.88
CA ILE A 361 -20.08 14.29 -10.67
C ILE A 361 -20.10 15.29 -11.83
N PRO A 362 -19.01 16.05 -11.99
CA PRO A 362 -18.83 17.00 -13.09
C PRO A 362 -18.92 16.33 -14.44
N VAL A 363 -19.44 17.06 -15.42
CA VAL A 363 -19.39 16.68 -16.82
C VAL A 363 -17.96 16.80 -17.35
N GLY A 364 -17.50 15.75 -18.01
CA GLY A 364 -16.22 15.78 -18.74
C GLY A 364 -16.33 14.93 -19.99
N GLU A 365 -15.26 14.88 -20.77
CA GLU A 365 -15.25 14.01 -21.96
C GLU A 365 -14.51 12.70 -21.69
N GLU A 366 -14.02 12.55 -20.47
CA GLU A 366 -13.41 11.29 -20.07
C GLU A 366 -13.75 11.01 -18.61
N PRO A 367 -13.63 9.73 -18.19
CA PRO A 367 -13.91 9.46 -16.78
C PRO A 367 -12.82 10.01 -15.87
N ILE A 368 -13.21 10.33 -14.64
CA ILE A 368 -12.26 10.51 -13.56
C ILE A 368 -11.72 9.11 -13.17
N VAL A 369 -10.42 8.92 -13.25
CA VAL A 369 -9.87 7.58 -12.96
C VAL A 369 -9.10 7.57 -11.67
N LEU A 370 -9.52 6.71 -10.73
CA LEU A 370 -8.82 6.57 -9.45
C LEU A 370 -8.08 5.23 -9.40
N ARG A 371 -6.79 5.31 -9.10
CA ARG A 371 -5.92 4.12 -9.01
C ARG A 371 -5.51 3.91 -7.57
N TYR A 372 -5.59 2.64 -7.15
CA TYR A 372 -5.12 2.22 -5.84
C TYR A 372 -4.25 0.96 -5.98
N ALA A 373 -3.21 0.89 -5.15
CA ALA A 373 -2.34 -0.30 -5.07
C ALA A 373 -2.21 -0.64 -3.59
N ASN A 374 -2.63 -1.85 -3.18
CA ASN A 374 -2.55 -2.17 -1.74
C ASN A 374 -3.14 -1.07 -0.85
N LYS A 375 -4.29 -0.56 -1.29
CA LYS A 375 -5.10 0.40 -0.53
C LYS A 375 -4.52 1.81 -0.43
N ILE A 376 -3.47 2.11 -1.21
CA ILE A 376 -2.93 3.47 -1.27
C ILE A 376 -3.30 4.07 -2.65
N PRO A 377 -3.77 5.33 -2.67
CA PRO A 377 -3.96 6.00 -3.97
C PRO A 377 -2.66 6.28 -4.70
N LEU A 378 -2.65 5.98 -5.99
CA LEU A 378 -1.57 6.45 -6.84
C LEU A 378 -1.97 7.81 -7.41
N ILE A 379 -1.07 8.77 -7.36
CA ILE A 379 -1.41 10.16 -7.65
C ILE A 379 -0.73 10.68 -8.91
N TYR A 380 0.59 10.47 -9.02
CA TYR A 380 1.35 10.95 -10.19
C TYR A 380 1.41 9.91 -11.29
N ASP A 381 1.86 10.34 -12.47
CA ASP A 381 2.19 9.39 -13.55
C ASP A 381 0.98 8.60 -14.05
N GLU A 382 -0.23 9.13 -13.92
CA GLU A 382 -1.42 8.37 -14.25
C GLU A 382 -1.53 7.93 -15.72
N LYS A 383 -1.07 8.75 -16.67
CA LYS A 383 -1.18 8.38 -18.09
C LYS A 383 -0.28 7.23 -18.54
N SER A 384 0.73 6.90 -17.73
CA SER A 384 1.51 5.71 -18.06
C SER A 384 1.12 4.42 -17.30
N ASP A 385 0.08 4.51 -16.46
CA ASP A 385 -0.39 3.35 -15.69
C ASP A 385 -1.20 2.38 -16.58
N VAL A 386 -0.96 1.08 -16.41
CA VAL A 386 -1.79 0.07 -17.05
C VAL A 386 -3.30 0.30 -16.79
N ILE A 387 -3.67 0.83 -15.60
CA ILE A 387 -5.09 1.10 -15.32
C ILE A 387 -5.64 2.17 -16.25
N TRP A 388 -4.88 3.25 -16.45
CA TRP A 388 -5.28 4.31 -17.36
C TRP A 388 -5.48 3.76 -18.77
N LYS A 389 -4.54 2.95 -19.23
CA LYS A 389 -4.57 2.34 -20.58
C LYS A 389 -5.85 1.51 -20.78
N VAL A 390 -6.15 0.63 -19.83
CA VAL A 390 -7.34 -0.20 -19.92
C VAL A 390 -8.62 0.65 -20.01
N VAL A 391 -8.74 1.65 -19.14
CA VAL A 391 -9.95 2.48 -19.08
C VAL A 391 -10.06 3.24 -20.39
N GLU A 392 -8.94 3.75 -20.88
CA GLU A 392 -8.96 4.50 -22.11
C GLU A 392 -9.34 3.62 -23.32
N GLU A 393 -8.88 2.37 -23.31
CA GLU A 393 -9.18 1.44 -24.41
C GLU A 393 -10.59 0.93 -24.43
N LEU A 394 -11.27 0.97 -23.30
CA LEU A 394 -12.64 0.43 -23.23
C LEU A 394 -13.60 1.33 -24.03
N ASP A 395 -14.49 0.70 -24.80
CA ASP A 395 -15.47 1.49 -25.59
C ASP A 395 -16.79 1.65 -24.82
N TRP A 396 -16.98 2.83 -24.21
CA TRP A 396 -18.10 3.03 -23.30
C TRP A 396 -19.43 3.08 -24.02
N LYS A 397 -19.41 3.21 -25.35
CA LYS A 397 -20.67 3.22 -26.07
C LYS A 397 -21.25 1.83 -26.06
N ARG A 398 -20.41 0.83 -25.84
CA ARG A 398 -20.91 -0.55 -25.75
C ARG A 398 -21.58 -0.82 -24.41
N TYR A 399 -21.41 0.09 -23.47
CA TYR A 399 -21.94 -0.08 -22.13
C TYR A 399 -22.91 1.03 -21.79
N GLY A 400 -23.51 1.60 -22.82
CA GLY A 400 -24.69 2.45 -22.63
C GLY A 400 -24.39 3.94 -22.59
N ILE A 401 -23.12 4.30 -22.64
CA ILE A 401 -22.81 5.72 -22.61
C ILE A 401 -22.88 6.25 -24.04
N GLU A 402 -23.92 7.02 -24.31
CA GLU A 402 -24.21 7.48 -25.67
C GLU A 402 -23.56 8.81 -26.04
N SER A 403 -23.49 9.75 -25.11
CA SER A 403 -22.92 11.06 -25.48
C SER A 403 -21.43 11.13 -25.27
N ASP A 404 -20.80 12.11 -25.93
CA ASP A 404 -19.38 12.36 -25.82
C ASP A 404 -19.06 13.06 -24.51
N GLN A 405 -20.08 13.52 -23.81
CA GLN A 405 -19.91 14.16 -22.52
C GLN A 405 -20.72 13.48 -21.44
N TYR A 406 -20.06 13.10 -20.35
CA TYR A 406 -20.73 12.34 -19.29
C TYR A 406 -20.03 12.51 -17.91
N GLN A 407 -20.67 12.02 -16.86
CA GLN A 407 -20.21 12.25 -15.50
C GLN A 407 -19.89 10.91 -14.90
N MET A 408 -18.63 10.52 -14.94
CA MET A 408 -18.31 9.22 -14.41
C MET A 408 -16.96 9.19 -13.71
N VAL A 409 -16.93 8.43 -12.63
CA VAL A 409 -15.71 8.10 -11.88
C VAL A 409 -15.51 6.60 -12.02
N VAL A 410 -14.29 6.20 -12.38
CA VAL A 410 -13.94 4.79 -12.40
C VAL A 410 -12.80 4.58 -11.43
N MET A 411 -12.87 3.55 -10.62
CA MET A 411 -11.78 3.25 -9.73
C MET A 411 -11.31 1.82 -9.99
N VAL A 412 -10.03 1.57 -9.81
CA VAL A 412 -9.47 0.21 -9.86
C VAL A 412 -8.45 0.10 -8.73
N HIS A 413 -8.56 -0.99 -7.98
CA HIS A 413 -7.63 -1.35 -6.92
C HIS A 413 -6.92 -2.65 -7.30
N LEU A 414 -5.60 -2.61 -7.33
CA LEU A 414 -4.82 -3.85 -7.38
C LEU A 414 -4.16 -4.13 -6.03
N CYS A 415 -4.35 -5.31 -5.45
CA CYS A 415 -3.60 -5.63 -4.25
C CYS A 415 -2.79 -6.91 -4.47
N SER A 416 -1.56 -6.90 -3.98
CA SER A 416 -0.69 -8.04 -4.16
C SER A 416 0.45 -7.90 -3.17
N THR A 417 1.12 -9.01 -2.84
CA THR A 417 2.39 -8.91 -2.13
C THR A 417 3.57 -8.52 -3.04
N LYS A 418 3.33 -8.42 -4.34
CA LYS A 418 4.33 -7.87 -5.25
C LYS A 418 3.65 -7.03 -6.33
N ILE A 419 3.47 -5.74 -6.09
CA ILE A 419 2.92 -4.85 -7.12
C ILE A 419 4.02 -4.54 -8.11
N PRO A 420 3.79 -4.76 -9.41
CA PRO A 420 4.86 -4.38 -10.36
C PRO A 420 4.76 -2.94 -10.83
N TYR A 421 5.78 -2.14 -10.50
CA TYR A 421 5.84 -0.75 -10.93
C TYR A 421 6.76 -0.61 -12.14
N LYS A 422 6.41 0.32 -13.02
CA LYS A 422 7.16 0.58 -14.24
C LYS A 422 8.58 1.09 -13.96
N SER A 423 8.71 2.05 -13.04
CA SER A 423 9.98 2.74 -12.79
C SER A 423 10.04 3.20 -11.32
N ALA A 424 11.19 3.03 -10.68
CA ALA A 424 11.40 3.55 -9.33
C ALA A 424 11.19 5.07 -9.30
N GLY A 425 10.37 5.56 -8.41
CA GLY A 425 10.15 7.00 -8.33
C GLY A 425 8.99 7.50 -9.17
N LYS A 426 8.38 6.59 -9.95
CA LYS A 426 7.12 6.85 -10.66
C LYS A 426 5.95 6.05 -10.09
N GLU A 427 4.74 6.60 -10.15
CA GLU A 427 3.64 5.95 -9.43
C GLU A 427 2.71 5.17 -10.37
N SER A 428 3.30 4.43 -11.32
CA SER A 428 2.48 3.80 -12.37
C SER A 428 2.72 2.32 -12.31
N ILE A 429 1.61 1.60 -12.35
CA ILE A 429 1.67 0.13 -12.36
C ILE A 429 2.00 -0.33 -13.78
N ALA A 430 2.88 -1.34 -13.86
CA ALA A 430 3.44 -1.86 -15.10
C ALA A 430 2.38 -2.66 -15.87
N GLU A 431 2.55 -2.72 -17.19
CA GLU A 431 1.62 -3.42 -18.06
C GLU A 431 1.96 -4.90 -18.11
N VAL A 432 1.90 -5.56 -16.96
CA VAL A 432 2.12 -7.01 -16.90
C VAL A 432 0.86 -7.67 -17.46
N GLU A 433 1.04 -8.57 -18.45
CA GLU A 433 -0.08 -9.11 -19.25
C GLU A 433 -1.21 -9.70 -18.40
N ASP A 434 -0.86 -10.56 -17.44
CA ASP A 434 -1.87 -11.23 -16.59
C ASP A 434 -2.58 -10.23 -15.69
N ILE A 435 -1.88 -9.17 -15.31
CA ILE A 435 -2.53 -8.19 -14.46
C ILE A 435 -3.47 -7.31 -15.29
N GLU A 436 -3.01 -6.86 -16.47
CA GLU A 436 -3.83 -6.10 -17.39
C GLU A 436 -5.09 -6.87 -17.80
N LYS A 437 -4.95 -8.15 -18.12
CA LYS A 437 -6.11 -9.02 -18.49
C LYS A 437 -7.19 -9.00 -17.40
N GLU A 438 -6.78 -9.19 -16.15
CA GLU A 438 -7.69 -9.17 -15.00
C GLU A 438 -8.35 -7.79 -14.69
N ILE A 439 -7.57 -6.72 -14.87
CA ILE A 439 -8.10 -5.34 -14.69
C ILE A 439 -9.18 -5.08 -15.74
N LYS A 440 -8.90 -5.50 -16.98
CA LYS A 440 -9.87 -5.38 -18.02
C LYS A 440 -11.12 -6.22 -17.75
N ASN A 441 -10.94 -7.45 -17.33
CA ASN A 441 -12.08 -8.28 -16.96
C ASN A 441 -12.92 -7.64 -15.84
N ALA A 442 -12.27 -7.02 -14.85
CA ALA A 442 -12.98 -6.37 -13.73
C ALA A 442 -13.78 -5.18 -14.20
N LEU A 443 -13.13 -4.33 -14.96
CA LEU A 443 -13.75 -3.12 -15.49
C LEU A 443 -15.00 -3.47 -16.31
N MET A 444 -14.89 -4.48 -17.17
CA MET A 444 -16.02 -4.95 -17.98
C MET A 444 -17.18 -5.45 -17.13
N GLU A 445 -16.85 -6.22 -16.09
CA GLU A 445 -17.84 -6.63 -15.10
C GLU A 445 -18.60 -5.44 -14.52
N VAL A 446 -17.91 -4.44 -13.98
CA VAL A 446 -18.63 -3.25 -13.50
C VAL A 446 -19.34 -2.47 -14.61
N ALA A 447 -18.71 -2.38 -15.78
CA ALA A 447 -19.32 -1.65 -16.89
C ALA A 447 -20.66 -2.30 -17.33
N ARG A 448 -20.74 -3.63 -17.27
CA ARG A 448 -22.02 -4.30 -17.53
C ARG A 448 -23.11 -3.89 -16.54
N LYS A 449 -22.73 -3.65 -15.29
CA LYS A 449 -23.70 -3.23 -14.29
C LYS A 449 -24.20 -1.83 -14.65
N LEU A 450 -23.26 -0.99 -15.11
CA LEU A 450 -23.61 0.35 -15.53
C LEU A 450 -24.53 0.32 -16.75
N LYS A 451 -24.23 -0.56 -17.70
CA LYS A 451 -25.03 -0.69 -18.93
C LYS A 451 -26.48 -1.05 -18.56
N GLN A 452 -26.66 -2.01 -17.65
CA GLN A 452 -27.98 -2.38 -17.14
C GLN A 452 -28.72 -1.18 -16.52
N TYR A 453 -28.01 -0.41 -15.69
CA TYR A 453 -28.59 0.75 -15.05
C TYR A 453 -29.07 1.76 -16.09
N LEU A 454 -28.23 2.02 -17.12
CA LEU A 454 -28.55 3.08 -18.08
C LEU A 454 -29.73 2.66 -18.97
N SER A 455 -29.81 1.36 -19.25
CA SER A 455 -30.84 0.79 -20.09
C SER A 455 -32.20 0.84 -19.33
N GLU A 456 -32.17 0.54 -18.03
CA GLU A 456 -33.37 0.68 -17.21
C GLU A 456 -33.80 2.12 -17.03
N LYS A 457 -32.84 3.01 -16.75
CA LYS A 457 -33.13 4.43 -16.67
C LYS A 457 -33.76 4.96 -17.97
N ARG A 458 -33.20 4.58 -19.11
CA ARG A 458 -33.72 5.06 -20.40
C ARG A 458 -35.14 4.54 -20.72
N LYS A 459 -35.40 3.27 -20.46
CA LYS A 459 -36.74 2.69 -20.60
C LYS A 459 -37.74 3.43 -19.70
N GLU A 460 -37.36 3.70 -18.46
CA GLU A 460 -38.26 4.43 -17.57
C GLU A 460 -38.58 5.85 -18.08
N GLN A 461 -37.59 6.56 -18.60
CA GLN A 461 -37.88 7.92 -19.13
C GLN A 461 -38.80 7.86 -20.34
N GLU A 462 -38.54 6.92 -21.24
CA GLU A 462 -39.34 6.68 -22.41
C GLU A 462 -40.78 6.34 -22.04
N ALA A 463 -40.96 5.50 -21.00
CA ALA A 463 -42.30 5.12 -20.56
C ALA A 463 -43.10 6.33 -20.06
N LYS A 464 -42.45 7.17 -19.26
CA LYS A 464 -43.09 8.40 -18.77
C LYS A 464 -43.44 9.35 -19.90
N LYS A 465 -42.51 9.52 -20.84
CA LYS A 465 -42.76 10.37 -21.99
C LYS A 465 -43.94 9.88 -22.83
N LYS A 466 -44.02 8.58 -23.05
CA LYS A 466 -44.98 8.05 -24.01
C LYS A 466 -46.32 7.64 -23.39
N LEU A 467 -46.31 7.38 -22.09
CA LEU A 467 -47.49 6.78 -21.42
C LEU A 467 -48.15 7.67 -20.39
N LEU A 468 -47.40 8.62 -19.82
CA LEU A 468 -48.00 9.47 -18.78
C LEU A 468 -48.49 10.75 -19.38
N ALA A 469 -49.61 11.24 -18.85
CA ALA A 469 -50.11 12.54 -19.21
C ALA A 469 -49.10 13.61 -18.75
MG MG B . 4.61 1.52 3.92
S DMS C . 2.21 -18.17 -10.12
O DMS C . 2.71 -17.14 -8.80
C1 DMS C . 0.93 -19.35 -9.64
C2 DMS C . 1.25 -17.27 -11.39
C1 RDC D . 3.65 2.18 14.55
C2 RDC D . 3.90 3.38 13.73
C3 RDC D . 2.78 4.30 13.45
C4 RDC D . 2.97 5.43 12.68
C5 RDC D . 4.22 5.66 12.09
C6 RDC D . 5.32 4.76 12.30
C7 RDC D . 5.22 3.58 13.13
C8 RDC D . 6.45 2.70 13.35
C9 RDC D . 7.15 2.24 12.07
C10 RDC D . 6.49 1.47 10.99
C11 RDC D . 5.18 1.21 10.99
C12 RDC D . 4.59 0.42 9.92
C13 RDC D . 3.42 -0.20 10.09
C14 RDC D . 2.66 -0.11 11.38
C15 RDC D . 2.97 -1.26 12.37
C16 RDC D . 2.57 -0.85 13.80
C17 RDC D . 3.68 -0.20 14.62
C18 RDC D . 4.96 -1.01 14.74
O1 RDC D . 4.09 0.98 13.94
O2 RDC D . 3.08 2.19 15.62
O3 RDC D . 1.59 4.06 14.03
O4 RDC D . 4.44 6.72 11.27
CL1 RDC D . 6.90 5.14 11.60
O5 RDC D . 8.35 2.48 11.96
O6 RDC D . 1.80 -1.24 11.56
#